data_7BIA
#
_entry.id   7BIA
#
_cell.length_a   77.410
_cell.length_b   89.780
_cell.length_c   68.854
_cell.angle_alpha   90.000
_cell.angle_beta   98.052
_cell.angle_gamma   90.000
#
_symmetry.space_group_name_H-M   'C 1 2 1'
#
loop_
_entity.id
_entity.type
_entity.pdbx_description
1 polymer 'Glutathione S-transferase P'
2 non-polymer '2-(N-MORPHOLINO)-ETHANESULFONIC ACID'
3 non-polymer GLUTATHIONE
4 non-polymer 1-isothiocyanato-3-methylsulfinyl-propane
5 water water
#
_entity_poly.entity_id   1
_entity_poly.type   'polypeptide(L)'
_entity_poly.pdbx_seq_one_letter_code
;MPPYTVVYFPVRGRCAALRMLLADQGQSWKEEVVTVETWQEGSLKASCLYGQLPKFQDGDLTLYQSNTILRHLGRTLGLY
GKDQQEAALVDMVNDGVEDLRCKYISLIYTNYEAGKDDYVKALPGQLKPFETLLSQNQGGKTFIVGDQISFADYNLLDLL
LIHEVLAPGCLDAFPLLSAYVGRLSARPKLKAFLASPEYVNLPINGNGKQ
;
_entity_poly.pdbx_strand_id   A,B
#
loop_
_chem_comp.id
_chem_comp.type
_chem_comp.name
_chem_comp.formula
GSH non-polymer GLUTATHIONE 'C10 H17 N3 O6 S'
MES non-polymer '2-(N-MORPHOLINO)-ETHANESULFONIC ACID' 'C6 H13 N O4 S'
TVQ non-polymer 1-isothiocyanato-3-methylsulfinyl-propane 'C5 H9 N O S2'
#
# COMPACT_ATOMS: atom_id res chain seq x y z
N MET A 1 -9.03 -29.77 6.80
CA MET A 1 -9.52 -28.51 6.23
C MET A 1 -8.33 -27.61 5.91
N PRO A 2 -8.39 -26.90 4.79
CA PRO A 2 -7.27 -26.04 4.42
C PRO A 2 -7.03 -24.99 5.49
N PRO A 3 -5.77 -24.58 5.68
CA PRO A 3 -5.49 -23.55 6.69
C PRO A 3 -5.81 -22.16 6.23
N TYR A 4 -6.05 -21.95 4.94
CA TYR A 4 -6.35 -20.64 4.38
C TYR A 4 -7.81 -20.55 4.00
N THR A 5 -8.42 -19.40 4.31
CA THR A 5 -9.77 -19.07 3.84
C THR A 5 -9.78 -17.68 3.24
N VAL A 6 -10.35 -17.55 2.03
CA VAL A 6 -10.54 -16.26 1.37
C VAL A 6 -12.02 -15.89 1.48
N VAL A 7 -12.31 -14.76 2.11
CA VAL A 7 -13.68 -14.27 2.24
C VAL A 7 -13.84 -13.07 1.32
N TYR A 8 -14.66 -13.22 0.28
CA TYR A 8 -14.75 -12.16 -0.72
C TYR A 8 -16.08 -12.21 -1.45
N PHE A 9 -16.36 -11.11 -2.16
CA PHE A 9 -17.45 -11.06 -3.11
C PHE A 9 -17.17 -12.01 -4.27
N PRO A 10 -18.20 -12.36 -5.05
CA PRO A 10 -17.99 -13.27 -6.19
C PRO A 10 -17.41 -12.53 -7.39
N VAL A 11 -16.17 -12.05 -7.23
CA VAL A 11 -15.45 -11.34 -8.28
C VAL A 11 -13.97 -11.68 -8.13
N ARG A 12 -13.21 -11.43 -9.20
CA ARG A 12 -11.76 -11.59 -9.16
C ARG A 12 -11.18 -10.44 -8.34
N GLY A 13 -11.28 -9.22 -8.87
CA GLY A 13 -11.01 -8.01 -8.12
C GLY A 13 -9.69 -8.06 -7.37
N ARG A 14 -9.74 -7.71 -6.08
CA ARG A 14 -8.54 -7.65 -5.25
C ARG A 14 -8.08 -8.99 -4.70
N CYS A 15 -8.74 -10.09 -5.06
CA CYS A 15 -8.26 -11.43 -4.66
C CYS A 15 -7.62 -12.19 -5.82
N ALA A 16 -7.68 -11.65 -7.04
CA ALA A 16 -7.19 -12.39 -8.18
C ALA A 16 -5.71 -12.72 -8.02
N ALA A 17 -4.91 -11.76 -7.57
CA ALA A 17 -3.48 -12.00 -7.51
C ALA A 17 -3.12 -12.98 -6.40
N LEU A 18 -3.71 -12.83 -5.22
CA LEU A 18 -3.41 -13.76 -4.13
C LEU A 18 -3.91 -15.18 -4.44
N ARG A 19 -5.02 -15.29 -5.17
CA ARG A 19 -5.46 -16.62 -5.61
C ARG A 19 -4.49 -17.22 -6.61
N MET A 20 -4.03 -16.42 -7.58
CA MET A 20 -3.00 -16.91 -8.50
C MET A 20 -1.78 -17.39 -7.74
N LEU A 21 -1.36 -16.61 -6.74
CA LEU A 21 -0.21 -17.00 -5.92
C LEU A 21 -0.46 -18.35 -5.24
N LEU A 22 -1.59 -18.49 -4.56
CA LEU A 22 -1.88 -19.73 -3.85
C LEU A 22 -1.93 -20.92 -4.80
N ALA A 23 -2.59 -20.75 -5.96
CA ALA A 23 -2.68 -21.84 -6.93
C ALA A 23 -1.31 -22.20 -7.49
N ASP A 24 -0.53 -21.18 -7.91
CA ASP A 24 0.79 -21.44 -8.49
C ASP A 24 1.73 -22.09 -7.48
N GLN A 25 1.55 -21.82 -6.19
CA GLN A 25 2.38 -22.43 -5.16
C GLN A 25 1.83 -23.76 -4.66
N GLY A 26 0.76 -24.27 -5.29
CA GLY A 26 0.21 -25.55 -4.89
C GLY A 26 -0.40 -25.58 -3.51
N GLN A 27 -0.79 -24.43 -2.97
CA GLN A 27 -1.40 -24.36 -1.65
C GLN A 27 -2.91 -24.51 -1.75
N SER A 28 -3.50 -25.25 -0.81
CA SER A 28 -4.94 -25.40 -0.79
C SER A 28 -5.58 -24.25 -0.01
N TRP A 29 -6.80 -23.89 -0.39
CA TRP A 29 -7.52 -22.88 0.37
C TRP A 29 -9.02 -23.03 0.15
N LYS A 30 -9.77 -22.36 1.00
CA LYS A 30 -11.23 -22.36 0.99
C LYS A 30 -11.75 -20.99 0.57
N GLU A 31 -12.79 -20.98 -0.26
CA GLU A 31 -13.46 -19.74 -0.66
C GLU A 31 -14.77 -19.62 0.08
N GLU A 32 -14.93 -18.54 0.85
CA GLU A 32 -16.20 -18.17 1.43
C GLU A 32 -16.73 -16.98 0.64
N VAL A 33 -17.86 -17.17 -0.02
CA VAL A 33 -18.43 -16.17 -0.92
C VAL A 33 -19.46 -15.37 -0.16
N VAL A 34 -19.36 -14.04 -0.26
CA VAL A 34 -20.28 -13.11 0.35
C VAL A 34 -21.10 -12.49 -0.77
N THR A 35 -22.40 -12.76 -0.78
CA THR A 35 -23.30 -12.03 -1.67
C THR A 35 -23.44 -10.59 -1.21
N VAL A 36 -23.77 -9.70 -2.14
CA VAL A 36 -24.00 -8.33 -1.69
C VAL A 36 -25.22 -8.27 -0.80
N GLU A 37 -26.23 -9.11 -1.07
CA GLU A 37 -27.38 -9.22 -0.16
C GLU A 37 -26.92 -9.44 1.27
N THR A 38 -26.05 -10.44 1.48
CA THR A 38 -25.46 -10.65 2.80
C THR A 38 -24.71 -9.41 3.27
N TRP A 39 -23.98 -8.76 2.36
CA TRP A 39 -23.21 -7.57 2.72
C TRP A 39 -24.11 -6.45 3.20
N GLN A 40 -25.26 -6.26 2.54
CA GLN A 40 -26.18 -5.18 2.91
C GLN A 40 -26.88 -5.43 4.23
N GLU A 41 -26.96 -6.70 4.68
CA GLU A 41 -27.47 -6.98 6.01
C GLU A 41 -26.66 -6.27 7.10
N GLY A 42 -25.36 -6.05 6.84
CA GLY A 42 -24.56 -5.13 7.63
C GLY A 42 -23.70 -5.77 8.70
N SER A 43 -24.01 -7.00 9.12
CA SER A 43 -23.36 -7.57 10.31
C SER A 43 -21.93 -7.99 10.01
N LEU A 44 -21.70 -8.67 8.88
CA LEU A 44 -20.33 -9.03 8.55
C LEU A 44 -19.50 -7.78 8.31
N LYS A 45 -20.06 -6.79 7.62
CA LYS A 45 -19.33 -5.57 7.31
C LYS A 45 -18.86 -4.87 8.59
N ALA A 46 -19.78 -4.71 9.55
CA ALA A 46 -19.39 -4.08 10.82
C ALA A 46 -18.34 -4.89 11.56
N SER A 47 -18.29 -6.21 11.33
CA SER A 47 -17.28 -7.06 11.96
C SER A 47 -15.92 -7.01 11.27
N CYS A 48 -15.83 -6.44 10.06
CA CYS A 48 -14.55 -6.28 9.39
C CYS A 48 -13.81 -5.07 9.94
N LEU A 49 -12.49 -5.22 10.10
CA LEU A 49 -11.65 -4.18 10.72
C LEU A 49 -11.86 -2.81 10.08
N TYR A 50 -11.75 -2.75 8.75
CA TYR A 50 -11.92 -1.50 8.01
C TYR A 50 -13.23 -1.48 7.24
N GLY A 51 -14.17 -2.34 7.59
CA GLY A 51 -15.48 -2.33 6.95
C GLY A 51 -15.51 -2.90 5.56
N GLN A 52 -14.48 -3.66 5.16
CA GLN A 52 -14.37 -4.08 3.77
C GLN A 52 -13.80 -5.49 3.65
N LEU A 53 -13.93 -6.04 2.45
CA LEU A 53 -13.34 -7.29 2.03
C LEU A 53 -12.25 -7.02 0.99
N PRO A 54 -11.30 -7.95 0.80
CA PRO A 54 -11.17 -9.30 1.36
C PRO A 54 -10.82 -9.39 2.85
N LYS A 55 -11.32 -10.47 3.42
CA LYS A 55 -10.90 -10.99 4.72
C LYS A 55 -10.19 -12.31 4.46
N PHE A 56 -9.10 -12.56 5.17
CA PHE A 56 -8.28 -13.76 4.95
C PHE A 56 -8.02 -14.42 6.29
N GLN A 57 -8.17 -15.73 6.35
CA GLN A 57 -7.84 -16.47 7.57
C GLN A 57 -6.69 -17.41 7.28
N ASP A 58 -5.66 -17.36 8.11
CA ASP A 58 -4.54 -18.30 8.11
C ASP A 58 -4.56 -18.92 9.50
N GLY A 59 -5.18 -20.10 9.64
CA GLY A 59 -5.45 -20.57 11.01
C GLY A 59 -6.28 -19.53 11.74
N ASP A 60 -5.89 -19.20 12.97
CA ASP A 60 -6.62 -18.20 13.74
C ASP A 60 -6.10 -16.78 13.51
N LEU A 61 -5.21 -16.58 12.54
CA LEU A 61 -4.78 -15.24 12.16
C LEU A 61 -5.77 -14.68 11.15
N THR A 62 -6.43 -13.58 11.51
CA THR A 62 -7.41 -12.95 10.64
C THR A 62 -6.80 -11.67 10.08
N LEU A 63 -6.69 -11.59 8.76
CA LEU A 63 -6.09 -10.46 8.07
C LEU A 63 -7.13 -9.77 7.20
N TYR A 64 -7.00 -8.45 7.08
CA TYR A 64 -7.68 -7.64 6.08
C TYR A 64 -6.60 -6.94 5.28
N GLN A 65 -6.99 -6.39 4.13
CA GLN A 65 -6.14 -5.64 3.19
C GLN A 65 -5.45 -6.57 2.19
N SER A 66 -5.81 -6.43 0.91
CA SER A 66 -5.27 -7.36 -0.10
C SER A 66 -3.75 -7.38 -0.09
N ASN A 67 -3.10 -6.22 0.05
CA ASN A 67 -1.64 -6.20 -0.01
C ASN A 67 -1.02 -6.76 1.26
N THR A 68 -1.74 -6.68 2.38
CA THR A 68 -1.31 -7.38 3.59
C THR A 68 -1.31 -8.88 3.37
N ILE A 69 -2.35 -9.39 2.72
CA ILE A 69 -2.44 -10.83 2.43
C ILE A 69 -1.31 -11.24 1.49
N LEU A 70 -1.07 -10.46 0.44
CA LEU A 70 0.03 -10.78 -0.46
C LEU A 70 1.37 -10.80 0.26
N ARG A 71 1.64 -9.78 1.10
CA ARG A 71 2.92 -9.74 1.80
C ARG A 71 3.03 -10.90 2.79
N HIS A 72 1.93 -11.23 3.45
CA HIS A 72 1.95 -12.35 4.40
C HIS A 72 2.28 -13.66 3.69
N LEU A 73 1.60 -13.94 2.58
CA LEU A 73 1.93 -15.14 1.81
C LEU A 73 3.33 -15.04 1.21
N GLY A 74 3.76 -13.84 0.82
CA GLY A 74 5.13 -13.67 0.38
C GLY A 74 6.15 -14.05 1.44
N ARG A 75 5.90 -13.63 2.68
CA ARG A 75 6.77 -13.99 3.80
C ARG A 75 6.77 -15.50 4.03
N THR A 76 5.59 -16.08 4.22
CA THR A 76 5.51 -17.45 4.70
C THR A 76 5.80 -18.46 3.60
N LEU A 77 5.69 -18.09 2.33
CA LEU A 77 5.94 -19.00 1.24
C LEU A 77 7.25 -18.68 0.51
N GLY A 78 8.06 -17.76 1.03
CA GLY A 78 9.36 -17.49 0.43
C GLY A 78 9.28 -16.81 -0.92
N LEU A 79 8.38 -15.83 -1.07
CA LEU A 79 8.19 -15.09 -2.31
C LEU A 79 8.40 -13.60 -2.07
N TYR A 80 9.50 -13.25 -1.39
CA TYR A 80 9.71 -11.89 -0.92
C TYR A 80 11.18 -11.52 -1.07
N GLY A 81 11.80 -11.97 -2.15
CA GLY A 81 13.19 -11.66 -2.41
C GLY A 81 14.14 -12.57 -1.66
N LYS A 82 15.40 -12.53 -2.09
CA LYS A 82 16.45 -13.35 -1.50
C LYS A 82 17.13 -12.68 -0.30
N ASP A 83 17.01 -11.36 -0.17
CA ASP A 83 17.68 -10.62 0.90
C ASP A 83 16.90 -9.34 1.15
N GLN A 84 17.43 -8.48 2.03
CA GLN A 84 16.66 -7.30 2.44
C GLN A 84 16.55 -6.30 1.30
N GLN A 85 17.60 -6.14 0.51
CA GLN A 85 17.50 -5.21 -0.61
C GLN A 85 16.45 -5.67 -1.62
N GLU A 86 16.43 -6.97 -1.96
CA GLU A 86 15.42 -7.45 -2.89
C GLU A 86 14.01 -7.28 -2.33
N ALA A 87 13.85 -7.48 -1.02
CA ALA A 87 12.53 -7.28 -0.42
C ALA A 87 12.06 -5.84 -0.60
N ALA A 88 12.96 -4.87 -0.46
CA ALA A 88 12.58 -3.48 -0.69
C ALA A 88 12.19 -3.25 -2.16
N LEU A 89 12.93 -3.85 -3.09
CA LEU A 89 12.57 -3.69 -4.50
C LEU A 89 11.23 -4.34 -4.79
N VAL A 90 10.94 -5.48 -4.15
CA VAL A 90 9.64 -6.12 -4.30
C VAL A 90 8.53 -5.19 -3.82
N ASP A 91 8.73 -4.57 -2.66
CA ASP A 91 7.77 -3.59 -2.15
C ASP A 91 7.61 -2.43 -3.13
N MET A 92 8.72 -1.95 -3.68
CA MET A 92 8.64 -0.81 -4.59
C MET A 92 7.78 -1.15 -5.80
N VAL A 93 7.93 -2.35 -6.33
CA VAL A 93 7.09 -2.78 -7.45
C VAL A 93 5.64 -2.88 -7.01
N ASN A 94 5.40 -3.54 -5.86
CA ASN A 94 4.01 -3.73 -5.45
C ASN A 94 3.31 -2.41 -5.18
N ASP A 95 4.01 -1.45 -4.57
CA ASP A 95 3.39 -0.14 -4.36
C ASP A 95 3.03 0.50 -5.69
N GLY A 96 3.89 0.34 -6.70
CA GLY A 96 3.57 0.87 -8.02
C GLY A 96 2.37 0.19 -8.64
N VAL A 97 2.29 -1.13 -8.48
CA VAL A 97 1.13 -1.87 -8.96
C VAL A 97 -0.14 -1.35 -8.29
N GLU A 98 -0.11 -1.21 -6.96
CA GLU A 98 -1.25 -0.68 -6.23
C GLU A 98 -1.64 0.71 -6.73
N ASP A 99 -0.65 1.59 -6.97
CA ASP A 99 -0.95 2.92 -7.46
C ASP A 99 -1.76 2.86 -8.75
N LEU A 100 -1.35 2.01 -9.69
CA LEU A 100 -2.11 1.91 -10.95
C LEU A 100 -3.44 1.18 -10.73
N ARG A 101 -3.46 0.18 -9.86
CA ARG A 101 -4.73 -0.49 -9.56
C ARG A 101 -5.79 0.50 -9.05
N CYS A 102 -5.40 1.44 -8.17
CA CYS A 102 -6.39 2.39 -7.67
C CYS A 102 -6.92 3.28 -8.78
N LYS A 103 -6.06 3.67 -9.72
CA LYS A 103 -6.51 4.44 -10.87
C LYS A 103 -7.48 3.63 -11.69
N TYR A 104 -7.17 2.35 -11.89
CA TYR A 104 -8.07 1.44 -12.61
C TYR A 104 -9.37 1.28 -11.86
N ILE A 105 -9.29 1.06 -10.54
CA ILE A 105 -10.49 0.93 -9.72
C ILE A 105 -11.34 2.19 -9.80
N SER A 106 -10.70 3.35 -9.78
CA SER A 106 -11.45 4.60 -9.86
C SER A 106 -12.14 4.74 -11.23
N LEU A 107 -11.47 4.35 -12.31
CA LEU A 107 -12.09 4.37 -13.62
C LEU A 107 -13.30 3.43 -13.66
N ILE A 108 -13.09 2.17 -13.29
CA ILE A 108 -14.14 1.15 -13.40
C ILE A 108 -15.40 1.58 -12.66
N TYR A 109 -15.25 1.99 -11.40
CA TYR A 109 -16.40 2.14 -10.52
C TYR A 109 -16.97 3.56 -10.47
N THR A 110 -16.23 4.58 -10.88
CA THR A 110 -16.70 5.95 -10.72
C THR A 110 -16.73 6.79 -12.00
N ASN A 111 -16.15 6.34 -13.11
CA ASN A 111 -16.06 7.21 -14.27
C ASN A 111 -15.73 6.47 -15.56
N TYR A 112 -16.32 5.30 -15.77
CA TYR A 112 -15.95 4.48 -16.92
C TYR A 112 -16.26 5.18 -18.24
N GLU A 113 -17.48 5.71 -18.36
CA GLU A 113 -17.93 6.23 -19.66
C GLU A 113 -17.18 7.49 -20.04
N ALA A 114 -17.10 8.47 -19.13
CA ALA A 114 -16.46 9.74 -19.46
C ALA A 114 -14.94 9.68 -19.40
N GLY A 115 -14.36 8.67 -18.75
CA GLY A 115 -12.93 8.68 -18.50
C GLY A 115 -12.09 7.66 -19.24
N LYS A 116 -12.72 6.71 -19.94
CA LYS A 116 -11.97 5.59 -20.48
C LYS A 116 -10.94 6.02 -21.50
N ASP A 117 -11.30 6.92 -22.42
CA ASP A 117 -10.37 7.27 -23.48
C ASP A 117 -9.18 8.06 -22.93
N ASP A 118 -9.43 8.98 -21.99
CA ASP A 118 -8.35 9.64 -21.28
C ASP A 118 -7.45 8.63 -20.57
N TYR A 119 -8.05 7.62 -19.95
CA TYR A 119 -7.28 6.64 -19.21
C TYR A 119 -6.38 5.82 -20.13
N VAL A 120 -6.93 5.35 -21.26
CA VAL A 120 -6.12 4.55 -22.17
C VAL A 120 -5.05 5.41 -22.83
N LYS A 121 -5.36 6.69 -23.06
CA LYS A 121 -4.37 7.69 -23.46
C LYS A 121 -3.16 7.67 -22.54
N ALA A 122 -3.40 7.73 -21.22
CA ALA A 122 -2.33 7.80 -20.25
C ALA A 122 -1.71 6.45 -19.93
N LEU A 123 -2.32 5.35 -20.38
CA LEU A 123 -1.87 4.03 -19.95
C LEU A 123 -0.44 3.69 -20.33
N PRO A 124 0.08 4.02 -21.52
CA PRO A 124 1.48 3.68 -21.80
C PRO A 124 2.44 4.31 -20.82
N GLY A 125 2.19 5.55 -20.39
CA GLY A 125 3.07 6.20 -19.45
C GLY A 125 3.04 5.58 -18.07
N GLN A 126 1.94 4.91 -17.72
CA GLN A 126 1.81 4.23 -16.43
C GLN A 126 2.39 2.81 -16.46
N LEU A 127 2.43 2.19 -17.64
CA LEU A 127 3.01 0.87 -17.78
C LEU A 127 4.52 0.92 -17.96
N LYS A 128 5.04 1.99 -18.55
CA LYS A 128 6.47 2.05 -18.86
C LYS A 128 7.39 1.79 -17.68
N PRO A 129 7.12 2.29 -16.46
CA PRO A 129 8.03 1.97 -15.34
C PRO A 129 8.24 0.47 -15.14
N PHE A 130 7.21 -0.34 -15.38
CA PHE A 130 7.36 -1.78 -15.19
C PHE A 130 8.19 -2.39 -16.31
N GLU A 131 8.02 -1.90 -17.54
CA GLU A 131 8.92 -2.31 -18.63
C GLU A 131 10.37 -1.97 -18.29
N THR A 132 10.60 -0.76 -17.77
CA THR A 132 11.95 -0.35 -17.40
C THR A 132 12.54 -1.26 -16.32
N LEU A 133 11.77 -1.54 -15.27
CA LEU A 133 12.24 -2.47 -14.26
C LEU A 133 12.64 -3.81 -14.87
N LEU A 134 11.78 -4.35 -15.74
CA LEU A 134 12.11 -5.62 -16.40
C LEU A 134 13.43 -5.51 -17.15
N SER A 135 13.62 -4.42 -17.89
CA SER A 135 14.81 -4.29 -18.73
C SER A 135 16.09 -4.24 -17.92
N GLN A 136 16.01 -3.80 -16.66
CA GLN A 136 17.18 -3.69 -15.81
C GLN A 136 17.41 -4.95 -14.97
N ASN A 137 16.57 -5.96 -15.11
CA ASN A 137 16.73 -7.22 -14.38
C ASN A 137 16.91 -8.35 -15.38
N GLN A 138 18.17 -8.72 -15.66
CA GLN A 138 18.48 -9.86 -16.52
C GLN A 138 17.78 -9.76 -17.87
N GLY A 139 17.72 -8.55 -18.41
CA GLY A 139 17.08 -8.34 -19.70
C GLY A 139 15.60 -8.66 -19.73
N GLY A 140 14.95 -8.71 -18.58
CA GLY A 140 13.52 -8.96 -18.55
C GLY A 140 13.10 -10.40 -18.74
N LYS A 141 14.04 -11.34 -18.65
CA LYS A 141 13.78 -12.73 -19.02
C LYS A 141 13.37 -13.59 -17.83
N THR A 142 13.40 -13.06 -16.61
CA THR A 142 12.97 -13.85 -15.48
C THR A 142 11.79 -13.21 -14.77
N PHE A 143 12.03 -12.58 -13.63
CA PHE A 143 10.93 -12.03 -12.84
C PHE A 143 11.12 -10.52 -12.68
N ILE A 144 10.15 -9.89 -12.02
CA ILE A 144 10.18 -8.44 -11.92
C ILE A 144 11.29 -8.00 -10.96
N VAL A 145 11.60 -8.79 -9.94
CA VAL A 145 12.73 -8.54 -9.05
C VAL A 145 13.53 -9.83 -8.89
N GLY A 146 14.83 -9.77 -9.19
CA GLY A 146 15.70 -10.89 -8.88
C GLY A 146 15.45 -12.13 -9.74
N ASP A 147 15.93 -13.28 -9.22
CA ASP A 147 15.97 -14.55 -9.92
C ASP A 147 14.77 -15.44 -9.64
N GLN A 148 13.91 -15.08 -8.70
CA GLN A 148 12.84 -15.95 -8.26
C GLN A 148 11.55 -15.16 -8.15
N ILE A 149 10.43 -15.86 -8.27
CA ILE A 149 9.13 -15.20 -8.29
C ILE A 149 8.85 -14.59 -6.92
N SER A 150 8.07 -13.51 -6.90
CA SER A 150 7.69 -12.82 -5.68
C SER A 150 6.20 -12.53 -5.73
N PHE A 151 5.64 -12.12 -4.59
CA PHE A 151 4.22 -11.77 -4.60
C PHE A 151 3.95 -10.62 -5.56
N ALA A 152 4.92 -9.73 -5.75
CA ALA A 152 4.75 -8.62 -6.69
C ALA A 152 4.57 -9.12 -8.12
N ASP A 153 5.17 -10.26 -8.47
CA ASP A 153 4.94 -10.82 -9.80
C ASP A 153 3.47 -11.17 -10.02
N TYR A 154 2.84 -11.82 -9.03
CA TYR A 154 1.44 -12.19 -9.19
C TYR A 154 0.54 -10.97 -9.25
N ASN A 155 0.85 -9.94 -8.45
CA ASN A 155 0.04 -8.73 -8.48
C ASN A 155 0.23 -7.99 -9.79
N LEU A 156 1.49 -7.83 -10.23
CA LEU A 156 1.74 -7.20 -11.52
C LEU A 156 1.07 -7.97 -12.66
N LEU A 157 1.18 -9.30 -12.63
CA LEU A 157 0.57 -10.10 -13.69
C LEU A 157 -0.93 -9.84 -13.79
N ASP A 158 -1.62 -9.86 -12.64
CA ASP A 158 -3.05 -9.54 -12.67
C ASP A 158 -3.30 -8.16 -13.24
N LEU A 159 -2.56 -7.16 -12.77
CA LEU A 159 -2.72 -5.81 -13.28
C LEU A 159 -2.60 -5.78 -14.79
N LEU A 160 -1.61 -6.49 -15.33
CA LEU A 160 -1.42 -6.48 -16.79
C LEU A 160 -2.56 -7.22 -17.48
N LEU A 161 -3.04 -8.33 -16.89
CA LEU A 161 -4.10 -9.08 -17.53
C LEU A 161 -5.39 -8.28 -17.59
N ILE A 162 -5.74 -7.54 -16.52
CA ILE A 162 -6.99 -6.81 -16.57
C ILE A 162 -6.87 -5.62 -17.50
N HIS A 163 -5.67 -5.08 -17.68
CA HIS A 163 -5.51 -3.96 -18.60
C HIS A 163 -5.54 -4.40 -20.06
N GLU A 164 -5.13 -5.63 -20.35
CA GLU A 164 -5.32 -6.15 -21.70
C GLU A 164 -6.81 -6.32 -22.02
N VAL A 165 -7.64 -6.60 -21.00
CA VAL A 165 -9.08 -6.64 -21.24
C VAL A 165 -9.63 -5.23 -21.42
N LEU A 166 -9.14 -4.28 -20.65
CA LEU A 166 -9.60 -2.91 -20.76
C LEU A 166 -9.16 -2.26 -22.07
N ALA A 167 -7.93 -2.56 -22.50
CA ALA A 167 -7.32 -1.92 -23.67
C ALA A 167 -6.53 -2.97 -24.42
N PRO A 168 -7.20 -3.75 -25.27
CA PRO A 168 -6.52 -4.83 -25.99
C PRO A 168 -5.30 -4.33 -26.75
N GLY A 169 -4.21 -5.10 -26.67
CA GLY A 169 -2.97 -4.74 -27.30
C GLY A 169 -2.16 -3.67 -26.59
N CYS A 170 -2.57 -3.22 -25.40
CA CYS A 170 -1.81 -2.20 -24.70
C CYS A 170 -0.38 -2.64 -24.42
N LEU A 171 -0.11 -3.94 -24.40
CA LEU A 171 1.25 -4.42 -24.19
C LEU A 171 2.05 -4.54 -25.50
N ASP A 172 1.43 -4.25 -26.64
CA ASP A 172 2.20 -4.29 -27.89
C ASP A 172 3.33 -3.28 -27.87
N ALA A 173 3.18 -2.20 -27.11
CA ALA A 173 4.22 -1.20 -26.99
C ALA A 173 5.33 -1.61 -26.04
N PHE A 174 5.19 -2.75 -25.35
CA PHE A 174 6.07 -3.12 -24.24
C PHE A 174 6.50 -4.57 -24.39
N PRO A 175 7.55 -4.83 -25.17
CA PRO A 175 7.90 -6.22 -25.51
C PRO A 175 8.27 -7.07 -24.30
N LEU A 176 8.93 -6.49 -23.31
CA LEU A 176 9.34 -7.30 -22.16
C LEU A 176 8.14 -7.63 -21.28
N LEU A 177 7.25 -6.67 -21.06
CA LEU A 177 6.01 -6.95 -20.31
C LEU A 177 5.17 -7.99 -21.05
N SER A 178 5.09 -7.88 -22.37
CA SER A 178 4.29 -8.82 -23.13
C SER A 178 4.82 -10.24 -22.99
N ALA A 179 6.13 -10.42 -23.16
CA ALA A 179 6.71 -11.75 -23.04
C ALA A 179 6.60 -12.26 -21.63
N TYR A 180 6.70 -11.36 -20.66
CA TYR A 180 6.57 -11.69 -19.24
C TYR A 180 5.19 -12.23 -18.91
N VAL A 181 4.13 -11.59 -19.42
CA VAL A 181 2.77 -12.10 -19.22
C VAL A 181 2.64 -13.50 -19.79
N GLY A 182 3.10 -13.70 -21.02
CA GLY A 182 3.03 -15.03 -21.61
C GLY A 182 3.82 -16.06 -20.82
N ARG A 183 5.01 -15.68 -20.36
CA ARG A 183 5.88 -16.60 -19.63
C ARG A 183 5.26 -17.00 -18.29
N LEU A 184 4.83 -16.03 -17.49
CA LEU A 184 4.25 -16.37 -16.19
C LEU A 184 2.93 -17.13 -16.35
N SER A 185 2.11 -16.73 -17.33
CA SER A 185 0.83 -17.38 -17.55
C SER A 185 0.98 -18.82 -18.01
N ALA A 186 2.17 -19.20 -18.47
CA ALA A 186 2.42 -20.57 -18.92
C ALA A 186 2.94 -21.47 -17.80
N ARG A 187 3.23 -20.93 -16.63
CA ARG A 187 3.59 -21.77 -15.49
C ARG A 187 2.49 -22.80 -15.27
N PRO A 188 2.83 -24.10 -15.18
CA PRO A 188 1.79 -25.15 -15.28
C PRO A 188 0.62 -24.99 -14.33
N LYS A 189 0.87 -24.80 -13.03
CA LYS A 189 -0.23 -24.70 -12.09
C LYS A 189 -1.02 -23.42 -12.29
N LEU A 190 -0.32 -22.32 -12.63
CA LEU A 190 -1.00 -21.06 -12.88
C LEU A 190 -1.83 -21.12 -14.16
N LYS A 191 -1.26 -21.69 -15.23
CA LYS A 191 -1.99 -21.87 -16.47
C LYS A 191 -3.28 -22.67 -16.22
N ALA A 192 -3.19 -23.74 -15.44
CA ALA A 192 -4.37 -24.54 -15.16
C ALA A 192 -5.41 -23.73 -14.38
N PHE A 193 -4.95 -22.97 -13.38
CA PHE A 193 -5.86 -22.15 -12.59
C PHE A 193 -6.56 -21.09 -13.45
N LEU A 194 -5.79 -20.40 -14.30
CA LEU A 194 -6.35 -19.33 -15.13
C LEU A 194 -7.38 -19.86 -16.11
N ALA A 195 -7.25 -21.11 -16.52
CA ALA A 195 -8.20 -21.73 -17.44
C ALA A 195 -9.40 -22.36 -16.73
N SER A 196 -9.38 -22.42 -15.39
CA SER A 196 -10.35 -23.19 -14.60
C SER A 196 -11.64 -22.40 -14.39
N PRO A 197 -12.77 -23.10 -14.20
CA PRO A 197 -14.04 -22.40 -13.94
C PRO A 197 -14.01 -21.49 -12.72
N GLU A 198 -13.28 -21.83 -11.65
CA GLU A 198 -13.29 -20.95 -10.49
C GLU A 198 -12.62 -19.61 -10.76
N TYR A 199 -11.81 -19.50 -11.82
CA TYR A 199 -11.29 -18.21 -12.27
C TYR A 199 -12.13 -17.62 -13.40
N VAL A 200 -12.35 -18.40 -14.47
CA VAL A 200 -12.98 -17.86 -15.67
C VAL A 200 -14.40 -17.39 -15.40
N ASN A 201 -15.15 -18.11 -14.56
CA ASN A 201 -16.55 -17.77 -14.37
C ASN A 201 -16.80 -16.67 -13.34
N LEU A 202 -15.75 -16.05 -12.78
CA LEU A 202 -15.91 -14.84 -11.98
C LEU A 202 -15.68 -13.60 -12.83
N PRO A 203 -16.48 -12.55 -12.69
CA PRO A 203 -16.18 -11.29 -13.39
C PRO A 203 -14.94 -10.63 -12.80
N ILE A 204 -14.29 -9.81 -13.62
CA ILE A 204 -13.13 -9.07 -13.11
C ILE A 204 -13.54 -8.13 -11.99
N ASN A 205 -14.67 -7.46 -12.16
CA ASN A 205 -15.11 -6.44 -11.22
C ASN A 205 -16.54 -6.70 -10.80
N GLY A 206 -17.00 -5.92 -9.82
CA GLY A 206 -18.30 -6.12 -9.23
C GLY A 206 -19.46 -5.44 -9.92
N ASN A 207 -19.19 -4.58 -10.89
CA ASN A 207 -20.24 -3.84 -11.57
C ASN A 207 -20.38 -4.22 -13.04
N GLY A 208 -19.77 -5.33 -13.45
CA GLY A 208 -19.89 -5.77 -14.83
C GLY A 208 -19.11 -4.96 -15.84
N LYS A 209 -18.28 -4.02 -15.39
CA LYS A 209 -17.44 -3.26 -16.30
C LYS A 209 -16.03 -3.83 -16.30
N GLN A 210 -15.38 -3.78 -17.46
CA GLN A 210 -14.04 -4.31 -17.62
C GLN A 210 -13.37 -3.68 -18.84
N PRO B 3 24.25 7.72 6.29
CA PRO B 3 23.85 6.64 5.38
C PRO B 3 22.70 7.02 4.45
N TYR B 4 21.79 7.88 4.89
CA TYR B 4 20.51 8.06 4.21
C TYR B 4 20.37 9.45 3.61
N THR B 5 19.68 9.51 2.47
CA THR B 5 19.26 10.76 1.85
C THR B 5 17.76 10.70 1.57
N VAL B 6 17.06 11.76 1.96
CA VAL B 6 15.64 11.94 1.64
C VAL B 6 15.55 13.05 0.60
N VAL B 7 14.91 12.76 -0.53
CA VAL B 7 14.71 13.72 -1.61
C VAL B 7 13.23 14.04 -1.72
N TYR B 8 12.85 15.29 -1.47
CA TYR B 8 11.42 15.61 -1.39
C TYR B 8 11.22 17.11 -1.54
N PHE B 9 9.97 17.49 -1.77
CA PHE B 9 9.53 18.87 -1.70
C PHE B 9 9.63 19.40 -0.27
N PRO B 10 9.65 20.73 -0.10
CA PRO B 10 9.69 21.31 1.25
C PRO B 10 8.33 21.31 1.93
N VAL B 11 7.80 20.10 2.15
CA VAL B 11 6.59 19.89 2.93
C VAL B 11 6.79 18.62 3.75
N ARG B 12 5.91 18.43 4.73
CA ARG B 12 5.91 17.22 5.55
C ARG B 12 5.38 16.05 4.74
N GLY B 13 4.09 16.09 4.41
CA GLY B 13 3.54 15.21 3.39
C GLY B 13 3.83 13.75 3.66
N ARG B 14 4.25 13.04 2.62
CA ARG B 14 4.51 11.60 2.72
C ARG B 14 5.89 11.27 3.28
N CYS B 15 6.70 12.27 3.67
CA CYS B 15 7.99 12.05 4.32
C CYS B 15 7.94 12.26 5.82
N ALA B 16 6.83 12.79 6.34
CA ALA B 16 6.77 13.12 7.76
C ALA B 16 6.96 11.88 8.63
N ALA B 17 6.31 10.77 8.29
CA ALA B 17 6.42 9.58 9.12
C ALA B 17 7.82 8.97 9.06
N LEU B 18 8.40 8.86 7.87
CA LEU B 18 9.74 8.25 7.81
C LEU B 18 10.78 9.15 8.46
N ARG B 19 10.58 10.46 8.45
CA ARG B 19 11.48 11.36 9.19
C ARG B 19 11.36 11.14 10.70
N MET B 20 10.12 11.05 11.20
CA MET B 20 9.92 10.77 12.61
C MET B 20 10.60 9.47 13.01
N LEU B 21 10.45 8.43 12.17
CA LEU B 21 11.14 7.17 12.41
C LEU B 21 12.66 7.38 12.52
N LEU B 22 13.25 8.03 11.52
CA LEU B 22 14.70 8.23 11.51
C LEU B 22 15.15 9.00 12.74
N ALA B 23 14.43 10.07 13.08
CA ALA B 23 14.83 10.87 14.23
C ALA B 23 14.70 10.08 15.51
N ASP B 24 13.57 9.42 15.71
CA ASP B 24 13.33 8.68 16.94
C ASP B 24 14.31 7.53 17.10
N GLN B 25 14.77 6.96 16.00
CA GLN B 25 15.73 5.86 16.02
C GLN B 25 17.17 6.37 16.04
N GLY B 26 17.39 7.65 16.26
CA GLY B 26 18.74 8.17 16.34
C GLY B 26 19.54 8.01 15.08
N GLN B 27 18.89 7.92 13.92
CA GLN B 27 19.61 7.84 12.67
C GLN B 27 19.92 9.24 12.15
N SER B 28 20.96 9.32 11.33
CA SER B 28 21.32 10.57 10.66
C SER B 28 20.91 10.49 9.20
N TRP B 29 20.49 11.63 8.65
CA TRP B 29 20.16 11.66 7.23
C TRP B 29 20.32 13.05 6.68
N LYS B 30 20.42 13.10 5.35
CA LYS B 30 20.55 14.33 4.58
C LYS B 30 19.24 14.61 3.86
N GLU B 31 18.80 15.87 3.90
CA GLU B 31 17.62 16.31 3.16
C GLU B 31 18.06 17.00 1.88
N GLU B 32 17.63 16.46 0.75
CA GLU B 32 17.76 17.14 -0.53
C GLU B 32 16.41 17.75 -0.86
N VAL B 33 16.31 19.08 -0.72
CA VAL B 33 15.04 19.78 -0.88
C VAL B 33 14.88 20.15 -2.35
N VAL B 34 13.84 19.59 -2.98
CA VAL B 34 13.54 19.87 -4.38
C VAL B 34 12.48 20.96 -4.41
N THR B 35 12.79 22.09 -5.01
CA THR B 35 11.79 23.13 -5.08
C THR B 35 10.88 22.91 -6.24
N VAL B 36 9.75 23.56 -6.17
CA VAL B 36 8.72 23.53 -7.18
C VAL B 36 9.19 24.12 -8.50
N GLU B 37 10.05 25.11 -8.44
CA GLU B 37 10.64 25.64 -9.61
C GLU B 37 11.54 24.60 -10.23
N THR B 38 12.30 23.90 -9.42
CA THR B 38 13.23 22.83 -9.88
C THR B 38 12.52 21.58 -10.39
N TRP B 39 11.33 21.27 -9.88
CA TRP B 39 10.55 20.11 -10.33
C TRP B 39 9.95 20.41 -11.69
N GLN B 40 9.65 21.68 -11.91
CA GLN B 40 9.06 22.14 -13.15
C GLN B 40 9.97 21.96 -14.36
N GLU B 41 11.28 21.99 -14.17
CA GLU B 41 12.20 21.77 -15.26
C GLU B 41 11.87 20.44 -15.90
N GLY B 42 11.82 19.40 -15.07
CA GLY B 42 11.46 18.10 -15.55
C GLY B 42 12.58 17.12 -15.59
N SER B 43 13.78 17.55 -15.31
CA SER B 43 14.86 16.58 -15.36
C SER B 43 14.84 15.52 -14.27
N LEU B 44 14.67 15.93 -13.02
CA LEU B 44 14.66 14.98 -11.92
C LEU B 44 13.47 14.07 -12.06
N LYS B 45 12.33 14.67 -12.32
CA LYS B 45 11.09 13.96 -12.44
C LYS B 45 11.19 12.85 -13.41
N ALA B 46 11.64 13.14 -14.61
CA ALA B 46 11.78 12.07 -15.61
C ALA B 46 12.72 10.98 -15.15
N SER B 47 13.62 11.26 -14.21
CA SER B 47 14.57 10.28 -13.71
C SER B 47 14.02 9.41 -12.60
N CYS B 48 12.92 9.82 -11.96
CA CYS B 48 12.31 9.03 -10.90
C CYS B 48 11.45 7.92 -11.47
N LEU B 49 11.48 6.76 -10.79
CA LEU B 49 10.87 5.55 -11.33
C LEU B 49 9.41 5.77 -11.70
N TYR B 50 8.62 6.32 -10.79
CA TYR B 50 7.21 6.58 -11.03
C TYR B 50 6.93 8.07 -11.22
N GLY B 51 7.94 8.84 -11.61
CA GLY B 51 7.78 10.28 -11.83
C GLY B 51 7.42 11.07 -10.59
N GLN B 52 7.76 10.57 -9.41
CA GLN B 52 7.28 11.18 -8.18
C GLN B 52 8.34 11.09 -7.09
N LEU B 53 8.19 11.97 -6.10
CA LEU B 53 8.92 11.98 -4.85
C LEU B 53 8.01 11.49 -3.73
N PRO B 54 8.56 10.98 -2.61
CA PRO B 54 9.99 10.94 -2.26
C PRO B 54 10.83 9.90 -2.98
N LYS B 55 12.12 10.23 -3.02
CA LYS B 55 13.19 9.34 -3.43
C LYS B 55 14.12 9.19 -2.25
N PHE B 56 14.66 7.99 -2.07
CA PHE B 56 15.41 7.67 -0.87
C PHE B 56 16.69 6.93 -1.27
N GLN B 57 17.80 7.30 -0.65
CA GLN B 57 19.07 6.62 -0.91
C GLN B 57 19.59 6.02 0.38
N ASP B 58 19.89 4.73 0.35
CA ASP B 58 20.52 4.01 1.45
C ASP B 58 21.74 3.34 0.85
N GLY B 59 22.90 3.98 0.99
CA GLY B 59 24.09 3.48 0.32
C GLY B 59 23.89 3.54 -1.19
N ASP B 60 24.19 2.43 -1.86
CA ASP B 60 23.98 2.33 -3.30
C ASP B 60 22.57 1.86 -3.66
N LEU B 61 21.64 1.88 -2.69
CA LEU B 61 20.26 1.49 -2.92
C LEU B 61 19.40 2.74 -3.07
N THR B 62 18.65 2.82 -4.15
CA THR B 62 17.75 3.93 -4.41
C THR B 62 16.32 3.41 -4.42
N LEU B 63 15.48 3.96 -3.56
CA LEU B 63 14.08 3.54 -3.42
C LEU B 63 13.16 4.70 -3.74
N TYR B 64 11.99 4.37 -4.27
CA TYR B 64 10.85 5.25 -4.38
C TYR B 64 9.70 4.61 -3.61
N GLN B 65 8.66 5.43 -3.33
CA GLN B 65 7.40 5.07 -2.68
C GLN B 65 7.52 5.19 -1.17
N SER B 66 6.73 6.06 -0.54
CA SER B 66 6.88 6.33 0.88
C SER B 66 6.73 5.05 1.72
N ASN B 67 5.79 4.17 1.35
CA ASN B 67 5.61 2.98 2.17
C ASN B 67 6.71 1.95 1.95
N THR B 68 7.31 1.92 0.75
CA THR B 68 8.51 1.12 0.55
C THR B 68 9.64 1.57 1.46
N ILE B 69 9.84 2.89 1.58
CA ILE B 69 10.88 3.41 2.45
C ILE B 69 10.61 3.04 3.90
N LEU B 70 9.36 3.24 4.35
CA LEU B 70 9.00 2.86 5.71
C LEU B 70 9.25 1.38 5.97
N ARG B 71 8.84 0.51 5.03
CA ARG B 71 9.02 -0.92 5.24
C ARG B 71 10.50 -1.30 5.25
N HIS B 72 11.29 -0.65 4.40
CA HIS B 72 12.72 -0.94 4.35
C HIS B 72 13.42 -0.53 5.64
N LEU B 73 13.08 0.65 6.15
CA LEU B 73 13.62 1.06 7.45
C LEU B 73 13.12 0.15 8.55
N GLY B 74 11.83 -0.25 8.49
CA GLY B 74 11.33 -1.21 9.46
C GLY B 74 12.06 -2.53 9.41
N ARG B 75 12.31 -3.02 8.19
CA ARG B 75 13.02 -4.29 8.02
C ARG B 75 14.45 -4.20 8.55
N THR B 76 15.17 -3.14 8.20
CA THR B 76 16.60 -3.10 8.52
C THR B 76 16.89 -2.59 9.92
N LEU B 77 15.95 -1.87 10.54
CA LEU B 77 16.14 -1.37 11.90
C LEU B 77 15.38 -2.18 12.94
N GLY B 78 14.71 -3.26 12.54
CA GLY B 78 13.98 -4.06 13.53
C GLY B 78 12.72 -3.42 14.06
N LEU B 79 11.96 -2.76 13.19
CA LEU B 79 10.69 -2.14 13.55
C LEU B 79 9.57 -2.75 12.71
N TYR B 80 9.48 -4.07 12.71
CA TYR B 80 8.56 -4.77 11.82
C TYR B 80 7.97 -5.98 12.53
N GLY B 81 7.73 -5.86 13.83
CA GLY B 81 7.16 -6.93 14.63
C GLY B 81 8.21 -7.96 15.02
N LYS B 82 7.82 -8.84 15.95
CA LYS B 82 8.77 -9.82 16.46
C LYS B 82 8.79 -11.10 15.63
N ASP B 83 7.78 -11.32 14.81
CA ASP B 83 7.70 -12.55 14.02
C ASP B 83 6.78 -12.28 12.83
N GLN B 84 6.56 -13.31 12.01
CA GLN B 84 5.77 -13.11 10.80
C GLN B 84 4.34 -12.72 11.14
N GLN B 85 3.79 -13.28 12.21
CA GLN B 85 2.42 -12.96 12.56
C GLN B 85 2.29 -11.47 12.87
N GLU B 86 3.22 -10.93 13.67
CA GLU B 86 3.19 -9.50 13.97
C GLU B 86 3.48 -8.67 12.72
N ALA B 87 4.41 -9.13 11.88
CA ALA B 87 4.69 -8.41 10.64
C ALA B 87 3.42 -8.24 9.80
N ALA B 88 2.61 -9.30 9.70
CA ALA B 88 1.35 -9.19 8.97
C ALA B 88 0.42 -8.17 9.62
N LEU B 89 0.36 -8.15 10.95
CA LEU B 89 -0.47 -7.16 11.61
C LEU B 89 0.07 -5.75 11.39
N VAL B 90 1.39 -5.57 11.40
CA VAL B 90 1.97 -4.26 11.11
C VAL B 90 1.57 -3.80 9.71
N ASP B 91 1.64 -4.70 8.72
CA ASP B 91 1.21 -4.37 7.37
C ASP B 91 -0.26 -3.98 7.35
N MET B 92 -1.09 -4.72 8.08
CA MET B 92 -2.53 -4.44 8.08
C MET B 92 -2.81 -3.04 8.63
N VAL B 93 -2.11 -2.65 9.71
CA VAL B 93 -2.24 -1.29 10.21
C VAL B 93 -1.76 -0.29 9.16
N ASN B 94 -0.57 -0.52 8.60
CA ASN B 94 -0.01 0.46 7.68
C ASN B 94 -0.88 0.64 6.43
N ASP B 95 -1.42 -0.47 5.90
CA ASP B 95 -2.32 -0.35 4.76
C ASP B 95 -3.57 0.42 5.13
N GLY B 96 -4.08 0.22 6.36
CA GLY B 96 -5.21 1.02 6.79
C GLY B 96 -4.86 2.50 6.93
N VAL B 97 -3.65 2.78 7.42
CA VAL B 97 -3.20 4.17 7.52
C VAL B 97 -3.13 4.79 6.13
N GLU B 98 -2.56 4.04 5.18
CA GLU B 98 -2.44 4.54 3.82
C GLU B 98 -3.81 4.81 3.20
N ASP B 99 -4.78 3.92 3.43
CA ASP B 99 -6.13 4.13 2.91
C ASP B 99 -6.69 5.46 3.40
N LEU B 100 -6.58 5.74 4.69
CA LEU B 100 -7.12 7.00 5.18
C LEU B 100 -6.28 8.17 4.70
N ARG B 101 -4.96 8.00 4.61
CA ARG B 101 -4.12 9.07 4.10
C ARG B 101 -4.50 9.42 2.67
N CYS B 102 -4.84 8.41 1.87
CA CYS B 102 -5.26 8.66 0.50
C CYS B 102 -6.52 9.49 0.45
N LYS B 103 -7.46 9.21 1.35
CA LYS B 103 -8.68 10.00 1.43
C LYS B 103 -8.37 11.43 1.85
N TYR B 104 -7.48 11.58 2.83
CA TYR B 104 -7.07 12.90 3.30
C TYR B 104 -6.42 13.68 2.17
N ILE B 105 -5.48 13.06 1.46
CA ILE B 105 -4.80 13.72 0.34
C ILE B 105 -5.81 14.15 -0.72
N SER B 106 -6.77 13.29 -1.03
CA SER B 106 -7.77 13.65 -2.04
C SER B 106 -8.61 14.83 -1.58
N LEU B 107 -8.98 14.86 -0.29
CA LEU B 107 -9.68 16.02 0.25
C LEU B 107 -8.84 17.29 0.12
N ILE B 108 -7.59 17.21 0.56
CA ILE B 108 -6.73 18.40 0.64
C ILE B 108 -6.52 19.01 -0.75
N TYR B 109 -6.21 18.16 -1.73
CA TYR B 109 -5.73 18.66 -3.02
C TYR B 109 -6.81 18.79 -4.09
N THR B 110 -7.96 18.10 -3.95
CA THR B 110 -8.95 18.09 -5.02
C THR B 110 -10.35 18.55 -4.61
N ASN B 111 -10.64 18.71 -3.31
CA ASN B 111 -12.01 19.01 -2.94
C ASN B 111 -12.14 19.53 -1.52
N TYR B 112 -11.23 20.43 -1.11
CA TYR B 112 -11.20 20.85 0.29
C TYR B 112 -12.46 21.60 0.68
N GLU B 113 -12.85 22.59 -0.11
CA GLU B 113 -13.89 23.51 0.32
C GLU B 113 -15.26 22.84 0.36
N ALA B 114 -15.58 22.02 -0.64
CA ALA B 114 -16.89 21.37 -0.70
C ALA B 114 -16.94 20.06 0.07
N GLY B 115 -15.83 19.33 0.15
CA GLY B 115 -15.84 18.02 0.76
C GLY B 115 -15.47 17.94 2.22
N LYS B 116 -15.13 19.07 2.86
CA LYS B 116 -14.58 18.99 4.21
C LYS B 116 -15.61 18.54 5.24
N ASP B 117 -16.85 19.03 5.14
CA ASP B 117 -17.83 18.67 6.17
C ASP B 117 -18.13 17.17 6.11
N ASP B 118 -18.34 16.63 4.92
CA ASP B 118 -18.60 15.20 4.80
C ASP B 118 -17.41 14.39 5.29
N TYR B 119 -16.18 14.87 5.03
CA TYR B 119 -15.00 14.16 5.49
C TYR B 119 -14.94 14.11 7.01
N VAL B 120 -15.16 15.25 7.67
CA VAL B 120 -15.04 15.29 9.12
C VAL B 120 -16.17 14.52 9.79
N LYS B 121 -17.36 14.52 9.18
CA LYS B 121 -18.47 13.74 9.73
C LYS B 121 -18.15 12.25 9.68
N ALA B 122 -17.49 11.80 8.62
CA ALA B 122 -17.12 10.39 8.50
C ALA B 122 -15.85 10.04 9.27
N LEU B 123 -15.11 11.03 9.76
CA LEU B 123 -13.83 10.73 10.42
C LEU B 123 -13.92 9.78 11.62
N PRO B 124 -14.89 9.91 12.55
CA PRO B 124 -14.89 8.98 13.69
C PRO B 124 -14.91 7.52 13.27
N GLY B 125 -15.70 7.17 12.27
CA GLY B 125 -15.75 5.79 11.80
C GLY B 125 -14.48 5.36 11.09
N GLN B 126 -13.68 6.31 10.61
CA GLN B 126 -12.39 6.00 10.01
C GLN B 126 -11.30 5.84 11.07
N LEU B 127 -11.45 6.49 12.23
CA LEU B 127 -10.45 6.36 13.28
C LEU B 127 -10.71 5.17 14.21
N LYS B 128 -11.97 4.83 14.42
CA LYS B 128 -12.30 3.78 15.38
C LYS B 128 -11.57 2.46 15.15
N PRO B 129 -11.29 2.02 13.91
CA PRO B 129 -10.50 0.77 13.77
C PRO B 129 -9.17 0.82 14.49
N PHE B 130 -8.50 1.97 14.53
CA PHE B 130 -7.21 2.03 15.18
C PHE B 130 -7.36 2.02 16.70
N GLU B 131 -8.41 2.66 17.21
CA GLU B 131 -8.74 2.53 18.63
C GLU B 131 -9.04 1.07 19.01
N THR B 132 -9.81 0.36 18.17
CA THR B 132 -10.10 -1.04 18.45
C THR B 132 -8.82 -1.87 18.46
N LEU B 133 -7.92 -1.62 17.51
CA LEU B 133 -6.66 -2.36 17.46
C LEU B 133 -5.84 -2.14 18.73
N LEU B 134 -5.73 -0.89 19.19
CA LEU B 134 -5.06 -0.64 20.45
C LEU B 134 -5.75 -1.39 21.59
N SER B 135 -7.08 -1.37 21.61
CA SER B 135 -7.82 -2.02 22.69
C SER B 135 -7.50 -3.52 22.76
N GLN B 136 -7.13 -4.14 21.65
CA GLN B 136 -6.88 -5.57 21.64
C GLN B 136 -5.42 -5.91 21.85
N ASN B 137 -4.56 -4.92 22.08
CA ASN B 137 -3.13 -5.14 22.26
C ASN B 137 -2.70 -4.56 23.61
N GLN B 138 -2.71 -5.39 24.66
CA GLN B 138 -2.26 -4.97 25.99
C GLN B 138 -3.00 -3.73 26.47
N GLY B 139 -4.30 -3.67 26.19
CA GLY B 139 -5.10 -2.54 26.62
C GLY B 139 -4.68 -1.19 26.07
N GLY B 140 -3.95 -1.17 24.95
CA GLY B 140 -3.55 0.08 24.36
C GLY B 140 -2.36 0.75 24.98
N LYS B 141 -1.64 0.07 25.87
CA LYS B 141 -0.62 0.73 26.68
C LYS B 141 0.76 0.72 26.06
N THR B 142 0.95 0.05 24.92
CA THR B 142 2.28 -0.05 24.32
C THR B 142 2.22 0.53 22.91
N PHE B 143 2.14 -0.30 21.89
CA PHE B 143 2.24 0.15 20.50
C PHE B 143 1.06 -0.41 19.71
N ILE B 144 0.99 -0.07 18.42
CA ILE B 144 -0.19 -0.50 17.66
C ILE B 144 -0.16 -2.00 17.42
N VAL B 145 1.04 -2.61 17.32
CA VAL B 145 1.20 -4.05 17.21
C VAL B 145 2.29 -4.52 18.16
N GLY B 146 1.96 -5.50 19.00
CA GLY B 146 2.99 -6.10 19.82
C GLY B 146 3.50 -5.16 20.90
N ASP B 147 4.70 -5.48 21.39
CA ASP B 147 5.31 -4.82 22.54
C ASP B 147 6.43 -3.88 22.18
N GLN B 148 6.71 -3.71 20.88
CA GLN B 148 7.80 -2.87 20.43
C GLN B 148 7.32 -2.00 19.27
N ILE B 149 7.96 -0.85 19.09
CA ILE B 149 7.50 0.10 18.09
C ILE B 149 7.77 -0.47 16.69
N SER B 150 6.93 -0.08 15.74
CA SER B 150 7.04 -0.52 14.35
C SER B 150 6.93 0.69 13.43
N PHE B 151 7.25 0.49 12.14
CA PHE B 151 7.13 1.62 11.21
C PHE B 151 5.68 2.08 11.13
N ALA B 152 4.73 1.16 11.37
CA ALA B 152 3.31 1.55 11.33
C ALA B 152 2.98 2.52 12.45
N ASP B 153 3.68 2.46 13.59
CA ASP B 153 3.42 3.41 14.66
C ASP B 153 3.72 4.83 14.20
N TYR B 154 4.85 5.00 13.52
CA TYR B 154 5.22 6.34 13.06
C TYR B 154 4.22 6.83 12.02
N ASN B 155 3.80 5.96 11.10
CA ASN B 155 2.85 6.37 10.08
C ASN B 155 1.48 6.67 10.69
N LEU B 156 1.03 5.83 11.63
CA LEU B 156 -0.23 6.12 12.31
C LEU B 156 -0.14 7.40 13.11
N LEU B 157 0.98 7.61 13.80
CA LEU B 157 1.13 8.84 14.58
C LEU B 157 0.99 10.06 13.69
N ASP B 158 1.67 10.05 12.53
CA ASP B 158 1.56 11.18 11.62
C ASP B 158 0.12 11.39 11.19
N LEU B 159 -0.56 10.29 10.81
CA LEU B 159 -1.95 10.37 10.39
C LEU B 159 -2.80 11.03 11.46
N LEU B 160 -2.59 10.66 12.72
CA LEU B 160 -3.38 11.23 13.79
C LEU B 160 -3.05 12.70 14.00
N LEU B 161 -1.77 13.03 13.95
CA LEU B 161 -1.35 14.43 14.15
C LEU B 161 -1.93 15.36 13.08
N ILE B 162 -1.92 14.92 11.81
CA ILE B 162 -2.44 15.83 10.78
C ILE B 162 -3.95 15.90 10.84
N HIS B 163 -4.61 14.85 11.32
CA HIS B 163 -6.06 14.92 11.45
C HIS B 163 -6.49 15.79 12.63
N GLU B 164 -5.66 15.90 13.66
CA GLU B 164 -5.97 16.85 14.74
C GLU B 164 -5.90 18.29 14.26
N VAL B 165 -5.01 18.58 13.31
CA VAL B 165 -5.00 19.91 12.68
C VAL B 165 -6.24 20.10 11.82
N LEU B 166 -6.61 19.08 11.05
CA LEU B 166 -7.78 19.17 10.17
C LEU B 166 -9.07 19.31 10.95
N ALA B 167 -9.21 18.55 12.04
CA ALA B 167 -10.46 18.48 12.80
C ALA B 167 -10.09 18.43 14.27
N PRO B 168 -9.80 19.58 14.87
CA PRO B 168 -9.44 19.61 16.29
C PRO B 168 -10.46 18.89 17.14
N GLY B 169 -9.98 18.13 18.11
CA GLY B 169 -10.82 17.31 18.94
C GLY B 169 -11.12 15.94 18.39
N CYS B 170 -10.57 15.57 17.22
CA CYS B 170 -11.07 14.35 16.61
C CYS B 170 -10.66 13.11 17.39
N LEU B 171 -9.69 13.20 18.30
CA LEU B 171 -9.31 12.04 19.11
C LEU B 171 -9.97 12.03 20.48
N ASP B 172 -10.78 13.05 20.80
CA ASP B 172 -11.28 13.19 22.17
C ASP B 172 -12.16 12.01 22.59
N ALA B 173 -12.90 11.43 21.65
CA ALA B 173 -13.74 10.28 21.95
C ALA B 173 -12.96 8.97 22.02
N PHE B 174 -11.65 8.99 21.76
CA PHE B 174 -10.85 7.78 21.62
C PHE B 174 -9.73 7.83 22.65
N PRO B 175 -9.96 7.32 23.86
CA PRO B 175 -8.95 7.49 24.92
C PRO B 175 -7.65 6.77 24.64
N LEU B 176 -7.70 5.57 24.04
CA LEU B 176 -6.44 4.88 23.79
C LEU B 176 -5.62 5.61 22.74
N LEU B 177 -6.26 6.06 21.65
CA LEU B 177 -5.53 6.81 20.62
C LEU B 177 -4.96 8.10 21.20
N SER B 178 -5.76 8.80 22.01
CA SER B 178 -5.30 10.03 22.65
C SER B 178 -4.05 9.79 23.48
N ALA B 179 -4.11 8.79 24.37
CA ALA B 179 -2.96 8.51 25.23
C ALA B 179 -1.76 8.02 24.43
N TYR B 180 -2.02 7.28 23.34
CA TYR B 180 -0.96 6.80 22.46
C TYR B 180 -0.23 7.95 21.79
N VAL B 181 -0.96 8.95 21.29
CA VAL B 181 -0.35 10.12 20.67
C VAL B 181 0.52 10.85 21.70
N GLY B 182 -0.03 11.08 22.89
CA GLY B 182 0.78 11.71 23.94
C GLY B 182 2.02 10.91 24.29
N ARG B 183 1.88 9.59 24.38
CA ARG B 183 2.99 8.74 24.80
C ARG B 183 4.09 8.70 23.75
N LEU B 184 3.71 8.43 22.49
CA LEU B 184 4.73 8.39 21.45
C LEU B 184 5.38 9.75 21.29
N SER B 185 4.57 10.81 21.37
CA SER B 185 5.08 12.16 21.15
C SER B 185 6.06 12.58 22.24
N ALA B 186 6.02 11.92 23.41
CA ALA B 186 6.93 12.24 24.50
C ALA B 186 8.22 11.44 24.46
N ARG B 187 8.37 10.47 23.54
CA ARG B 187 9.64 9.79 23.43
C ARG B 187 10.73 10.83 23.14
N PRO B 188 11.86 10.79 23.85
CA PRO B 188 12.75 11.96 23.87
C PRO B 188 13.22 12.43 22.50
N LYS B 189 13.77 11.54 21.68
CA LYS B 189 14.28 12.00 20.38
C LYS B 189 13.13 12.46 19.48
N LEU B 190 12.00 11.76 19.52
CA LEU B 190 10.85 12.17 18.72
C LEU B 190 10.30 13.51 19.20
N LYS B 191 10.19 13.69 20.52
CA LYS B 191 9.77 14.96 21.07
C LYS B 191 10.66 16.10 20.57
N ALA B 192 11.97 15.89 20.61
CA ALA B 192 12.90 16.93 20.16
C ALA B 192 12.73 17.21 18.67
N PHE B 193 12.50 16.18 17.86
CA PHE B 193 12.30 16.39 16.44
C PHE B 193 11.00 17.12 16.16
N LEU B 194 9.93 16.77 16.87
CA LEU B 194 8.64 17.38 16.61
C LEU B 194 8.63 18.86 17.02
N ALA B 195 9.49 19.24 17.95
CA ALA B 195 9.60 20.63 18.36
C ALA B 195 10.58 21.41 17.51
N SER B 196 11.38 20.73 16.67
CA SER B 196 12.45 21.40 15.93
C SER B 196 11.91 22.18 14.73
N PRO B 197 12.63 23.22 14.30
CA PRO B 197 12.15 24.00 13.14
C PRO B 197 12.00 23.18 11.87
N GLU B 198 12.87 22.19 11.63
CA GLU B 198 12.78 21.47 10.38
C GLU B 198 11.50 20.66 10.25
N TYR B 199 10.82 20.38 11.37
CA TYR B 199 9.45 19.88 11.33
C TYR B 199 8.43 21.02 11.40
N VAL B 200 8.54 21.89 12.42
CA VAL B 200 7.47 22.85 12.69
C VAL B 200 7.30 23.83 11.52
N ASN B 201 8.39 24.24 10.90
CA ASN B 201 8.32 25.29 9.90
C ASN B 201 8.09 24.79 8.47
N LEU B 202 7.85 23.48 8.30
CA LEU B 202 7.36 23.01 7.00
C LEU B 202 5.84 22.95 7.02
N PRO B 203 5.18 23.29 5.91
CA PRO B 203 3.73 23.09 5.85
C PRO B 203 3.45 21.60 5.75
N ILE B 204 2.26 21.20 6.20
CA ILE B 204 1.88 19.79 6.13
C ILE B 204 1.77 19.36 4.67
N ASN B 205 1.16 20.20 3.83
CA ASN B 205 0.87 19.87 2.44
C ASN B 205 1.45 20.95 1.53
N GLY B 206 1.40 20.68 0.23
CA GLY B 206 2.00 21.57 -0.75
C GLY B 206 1.13 22.69 -1.26
N ASN B 207 -0.15 22.73 -0.88
CA ASN B 207 -1.09 23.73 -1.37
C ASN B 207 -1.60 24.64 -0.27
N GLY B 208 -0.88 24.72 0.84
CA GLY B 208 -1.26 25.60 1.93
C GLY B 208 -2.53 25.21 2.67
N LYS B 209 -3.14 24.08 2.33
CA LYS B 209 -4.34 23.63 3.01
C LYS B 209 -3.98 22.57 4.05
N GLN B 210 -4.76 22.55 5.12
CA GLN B 210 -4.50 21.64 6.23
C GLN B 210 -5.74 21.54 7.11
O1 MES C . -11.48 -23.21 -3.44
C2 MES C . -11.74 -24.47 -4.07
C3 MES C . -10.97 -24.75 -5.35
N4 MES C . -9.58 -24.23 -5.27
C5 MES C . -9.16 -23.55 -4.05
C6 MES C . -10.28 -22.56 -3.82
C7 MES C . -8.61 -25.05 -5.99
C8 MES C . -7.50 -24.15 -6.50
S MES C . -6.42 -25.12 -7.33
O1S MES C . -6.82 -25.16 -8.75
O2S MES C . -5.05 -24.57 -7.23
O3S MES C . -6.46 -26.49 -6.76
N1 GSH D . -7.43 -1.25 0.74
CA1 GSH D . -8.36 -2.41 0.70
C1 GSH D . -7.68 -3.70 0.24
O11 GSH D . -6.60 -3.48 -0.47
O12 GSH D . -8.12 -4.82 0.50
CB1 GSH D . -9.57 -2.08 -0.17
CG1 GSH D . -10.71 -3.10 -0.02
CD1 GSH D . -11.95 -2.68 -0.78
OE1 GSH D . -11.99 -1.63 -1.41
N2 GSH D . -12.98 -3.53 -0.73
CA2 GSH D . -14.22 -3.33 -1.44
C2 GSH D . -15.37 -3.42 -0.45
O2 GSH D . -15.31 -4.22 0.48
CB2 GSH D . -14.38 -4.38 -2.54
SG2 GSH D . -12.82 -4.90 -3.31
N3 GSH D . -16.43 -2.64 -0.67
CA3 GSH D . -17.62 -2.75 0.15
C3 GSH D . -17.79 -1.63 1.13
O31 GSH D . -16.78 -0.79 1.15
O32 GSH D . -18.77 -1.50 1.85
C1 TVQ E . -14.08 -0.12 -5.51
C4 TVQ E . -11.42 -1.73 -4.47
C3 TVQ E . -13.53 -2.55 -5.61
C2 TVQ E . -14.50 -1.52 -5.09
N TVQ E . -12.23 -2.36 -5.02
C TVQ E . -14.61 2.53 -5.71
O TVQ E . -16.51 0.82 -5.00
S TVQ E . -15.07 1.14 -4.67
S1 TVQ E . -10.36 -0.77 -3.71
O1 MES F . 18.73 17.08 7.92
C2 MES F . 18.62 18.23 8.76
C3 MES F . 19.03 17.91 10.19
N4 MES F . 18.28 16.74 10.66
C5 MES F . 18.32 15.56 9.79
C6 MES F . 17.90 16.02 8.39
C7 MES F . 18.42 16.48 12.08
C8 MES F . 17.17 15.74 12.58
S MES F . 17.49 15.15 14.10
O1S MES F . 17.43 16.22 15.11
O2S MES F . 18.83 14.52 14.09
O3S MES F . 16.47 14.14 14.48
N1 GSH G . 2.56 6.33 -3.96
CA1 GSH G . 3.58 7.40 -3.87
C1 GSH G . 4.26 7.43 -2.51
O11 GSH G . 5.39 7.86 -2.31
O12 GSH G . 3.50 6.93 -1.57
CB1 GSH G . 2.94 8.76 -4.20
CG1 GSH G . 3.94 9.92 -4.10
CD1 GSH G . 3.32 11.24 -4.49
OE1 GSH G . 2.10 11.38 -4.58
N2 GSH G . 4.19 12.24 -4.73
CA2 GSH G . 3.75 13.57 -5.11
C2 GSH G . 4.52 14.04 -6.34
O2 GSH G . 5.66 13.64 -6.56
CB2 GSH G . 3.97 14.55 -3.97
SG2 GSH G . 3.39 13.96 -2.35
N3 GSH G . 3.89 14.90 -7.14
CA3 GSH G . 4.61 15.60 -8.20
C3 GSH G . 4.52 14.92 -9.54
O31 GSH G . 5.10 15.33 -10.53
O32 GSH G . 3.77 13.86 -9.53
#